data_6NTU
#
_entry.id   6NTU
#
_cell.length_a   92.662
_cell.length_b   92.662
_cell.length_c   135.341
_cell.angle_alpha   90.000
_cell.angle_beta   90.000
_cell.angle_gamma   120.000
#
_symmetry.space_group_name_H-M   'P 61 2 2'
#
loop_
_entity.id
_entity.type
_entity.pdbx_description
1 polymer 'Poly [ADP-ribose] polymerase 1'
2 branched beta-D-fructofuranose-(2-1)-alpha-D-glucopyranose
3 non-polymer 'DIMETHYL SULFOXIDE'
4 non-polymer 'PENTAETHYLENE GLYCOL'
5 non-polymer 'methyl 2-{4-[4-(7-carbamoyl-1H-benzimidazol-2-yl)benzene-1-carbonyl]piperazin-1-yl}pyrimidine-5-carboxylate'
6 non-polymer 'SULFATE ION'
7 water water
#
_entity_poly.entity_id   1
_entity_poly.type   'polypeptide(L)'
_entity_poly.pdbx_seq_one_letter_code
;MGSSHHHHHHSSGLVPRGSHMTKSKLPKPVQDLIKMIFGSGSGSGGDPIDVNYEKLKTDIKVVDRDSEEAEIIRKYVKNT
HATTHNAYDLEVIDIFKIEREGECQRYKPFKQLHNRRLLWHGSRTTNFAGILSQGLRIAPPEAPVTGYMFGKGIYFADMV
SKSANYCHTSQGDPIGLILLGEVALGNMYELKHASHISKLPKGKHSVKGLGKTTPDPSANISLDGVDVPLGTGISSGVND
TSLLYNEYIVYDIAQVNLKYLLKLKFNFKTS
;
_entity_poly.pdbx_strand_id   A
#
# COMPACT_ATOMS: atom_id res chain seq x y z
N LYS A 23 13.34 5.33 29.34
CA LYS A 23 12.39 6.48 29.37
C LYS A 23 12.17 7.01 27.93
N SER A 24 11.51 6.23 27.06
CA SER A 24 11.06 6.70 25.72
C SER A 24 9.82 7.59 25.87
N LYS A 25 9.80 8.74 25.20
CA LYS A 25 8.67 9.70 25.20
C LYS A 25 7.67 9.34 24.09
N LEU A 26 7.90 8.28 23.31
CA LEU A 26 6.97 7.86 22.23
C LEU A 26 5.72 7.24 22.84
N PRO A 27 4.55 7.40 22.17
CA PRO A 27 3.33 6.72 22.62
C PRO A 27 3.51 5.19 22.55
N LYS A 28 2.81 4.45 23.40
CA LYS A 28 2.94 2.97 23.52
C LYS A 28 2.75 2.30 22.15
N PRO A 29 1.69 2.63 21.36
CA PRO A 29 1.52 2.01 20.05
C PRO A 29 2.74 2.17 19.12
N VAL A 30 3.40 3.33 19.14
CA VAL A 30 4.62 3.59 18.32
C VAL A 30 5.77 2.75 18.87
N GLN A 31 5.93 2.70 20.19
CA GLN A 31 6.98 1.85 20.82
C GLN A 31 6.81 0.40 20.36
N ASP A 32 5.59 -0.12 20.43
CA ASP A 32 5.27 -1.52 20.06
C ASP A 32 5.52 -1.71 18.55
N LEU A 33 5.19 -0.72 17.73
CA LEU A 33 5.54 -0.77 16.29
C LEU A 33 7.06 -0.85 16.11
N ILE A 34 7.83 -0.03 16.81
CA ILE A 34 9.33 -0.04 16.70
C ILE A 34 9.83 -1.44 17.10
N LYS A 35 9.34 -1.99 18.20
CA LYS A 35 9.79 -3.32 18.70
C LYS A 35 9.49 -4.38 17.64
N MET A 36 8.34 -4.29 16.98
CA MET A 36 7.89 -5.23 15.92
C MET A 36 8.80 -5.13 14.70
N ILE A 37 9.20 -3.92 14.30
CA ILE A 37 9.98 -3.67 13.05
C ILE A 37 11.43 -4.10 13.25
N PHE A 38 11.99 -3.90 14.44
CA PHE A 38 13.42 -4.18 14.72
C PHE A 38 13.56 -5.57 15.33
N GLY A 39 12.50 -6.14 15.88
CA GLY A 39 12.51 -7.48 16.52
C GLY A 39 13.51 -7.53 17.67
N GLY A 46 19.84 -5.11 21.26
CA GLY A 46 19.31 -4.04 20.39
C GLY A 46 19.55 -2.67 21.00
N ASP A 47 19.27 -1.61 20.25
CA ASP A 47 19.44 -0.20 20.68
C ASP A 47 18.19 0.23 21.47
N PRO A 48 18.26 1.32 22.27
CA PRO A 48 17.06 1.93 22.84
C PRO A 48 15.98 2.18 21.78
N ILE A 49 14.71 2.14 22.19
CA ILE A 49 13.55 2.32 21.27
C ILE A 49 13.71 3.65 20.51
N ASP A 50 14.16 4.71 21.18
CA ASP A 50 14.26 6.06 20.54
C ASP A 50 15.37 6.06 19.50
N VAL A 51 16.45 5.30 19.71
CA VAL A 51 17.58 5.20 18.74
C VAL A 51 17.06 4.49 17.49
N ASN A 52 16.30 3.41 17.67
CA ASN A 52 15.69 2.67 16.53
C ASN A 52 14.67 3.57 15.83
N TYR A 53 13.90 4.37 16.57
CA TYR A 53 12.92 5.30 15.96
C TYR A 53 13.65 6.24 15.00
N GLU A 54 14.76 6.83 15.44
CA GLU A 54 15.53 7.81 14.63
C GLU A 54 16.05 7.15 13.33
N LYS A 55 16.39 5.87 13.36
CA LYS A 55 16.87 5.16 12.13
C LYS A 55 15.79 5.13 11.05
N LEU A 56 14.51 5.22 11.39
CA LEU A 56 13.46 5.14 10.36
C LEU A 56 13.36 6.44 9.55
N LYS A 57 13.93 7.54 10.05
CA LYS A 57 13.91 8.88 9.39
C LYS A 57 12.48 9.20 8.95
N THR A 58 11.51 8.93 9.84
CA THR A 58 10.05 8.94 9.55
C THR A 58 9.34 9.54 10.78
N ASP A 59 8.54 10.58 10.60
CA ASP A 59 7.61 11.01 11.69
C ASP A 59 6.46 9.98 11.75
N ILE A 60 6.20 9.42 12.92
CA ILE A 60 5.09 8.44 13.10
C ILE A 60 4.15 8.97 14.16
N LYS A 61 2.89 9.19 13.83
CA LYS A 61 1.85 9.64 14.79
C LYS A 61 0.74 8.58 14.81
N VAL A 62 0.08 8.41 15.96
CA VAL A 62 -1.07 7.49 16.08
C VAL A 62 -2.30 8.24 15.59
N VAL A 63 -3.03 7.67 14.67
CA VAL A 63 -4.35 8.20 14.25
C VAL A 63 -5.36 7.82 15.33
N ASP A 64 -6.07 8.80 15.87
CA ASP A 64 -7.16 8.59 16.87
C ASP A 64 -8.17 7.58 16.33
N ARG A 65 -8.54 6.60 17.15
CA ARG A 65 -9.50 5.50 16.82
C ARG A 65 -10.88 6.09 16.46
N ASP A 66 -11.26 7.23 17.01
CA ASP A 66 -12.63 7.80 16.82
C ASP A 66 -12.63 8.91 15.77
N SER A 67 -11.53 9.10 15.04
CA SER A 67 -11.39 10.16 14.03
C SER A 67 -12.05 9.75 12.71
N GLU A 68 -12.37 10.74 11.90
CA GLU A 68 -12.85 10.49 10.51
C GLU A 68 -11.81 9.69 9.70
N GLU A 69 -10.52 10.03 9.74
CA GLU A 69 -9.46 9.26 9.04
C GLU A 69 -9.55 7.78 9.40
N ALA A 70 -9.64 7.45 10.69
CA ALA A 70 -9.68 6.05 11.15
C ALA A 70 -10.93 5.38 10.57
N GLU A 71 -12.05 6.09 10.56
CA GLU A 71 -13.35 5.53 10.10
C GLU A 71 -13.25 5.18 8.61
N ILE A 72 -12.68 6.08 7.83
CA ILE A 72 -12.46 5.91 6.37
C ILE A 72 -11.57 4.69 6.15
N ILE A 73 -10.46 4.62 6.87
CA ILE A 73 -9.51 3.49 6.70
C ILE A 73 -10.19 2.18 7.10
N ARG A 74 -10.91 2.14 8.22
CA ARG A 74 -11.59 0.89 8.64
C ARG A 74 -12.61 0.48 7.58
N LYS A 75 -13.33 1.44 6.98
CA LYS A 75 -14.30 1.11 5.91
C LYS A 75 -13.55 0.53 4.69
N TYR A 76 -12.42 1.11 4.32
CA TYR A 76 -11.56 0.66 3.18
C TYR A 76 -11.15 -0.80 3.44
N VAL A 77 -10.73 -1.11 4.66
CA VAL A 77 -10.36 -2.50 5.08
C VAL A 77 -11.60 -3.41 5.03
N LYS A 78 -12.72 -3.02 5.61
CA LYS A 78 -13.91 -3.88 5.67
C LYS A 78 -14.41 -4.17 4.25
N ASN A 79 -14.44 -3.17 3.38
CA ASN A 79 -15.21 -3.26 2.11
C ASN A 79 -14.42 -4.00 1.04
N THR A 80 -13.10 -4.06 1.14
CA THR A 80 -12.22 -4.48 -0.01
C THR A 80 -11.48 -5.78 0.32
N HIS A 81 -12.02 -6.57 1.25
CA HIS A 81 -11.58 -7.98 1.43
C HIS A 81 -12.16 -8.81 0.26
N ALA A 82 -11.31 -9.44 -0.55
CA ALA A 82 -11.71 -10.26 -1.72
C ALA A 82 -12.44 -11.51 -1.22
N THR A 83 -13.45 -11.97 -1.95
CA THR A 83 -14.24 -13.17 -1.57
C THR A 83 -13.35 -14.43 -1.67
N THR A 84 -12.34 -14.43 -2.55
CA THR A 84 -11.46 -15.61 -2.80
C THR A 84 -10.30 -15.65 -1.78
N HIS A 85 -10.12 -14.61 -0.95
CA HIS A 85 -9.10 -14.55 0.13
C HIS A 85 -9.76 -14.83 1.48
N ASN A 86 -10.33 -16.01 1.67
CA ASN A 86 -11.18 -16.33 2.85
C ASN A 86 -10.38 -17.16 3.85
N ALA A 87 -9.06 -17.27 3.69
CA ALA A 87 -8.16 -17.97 4.65
C ALA A 87 -8.13 -17.23 5.99
N TYR A 88 -8.41 -15.92 5.99
CA TYR A 88 -8.35 -15.06 7.20
C TYR A 88 -9.32 -13.87 7.07
N ASP A 89 -9.71 -13.27 8.19
CA ASP A 89 -10.32 -11.91 8.19
CA ASP A 89 -10.32 -11.91 8.19
C ASP A 89 -9.33 -10.93 8.82
N LEU A 90 -9.48 -9.65 8.51
CA LEU A 90 -8.58 -8.58 9.01
C LEU A 90 -9.30 -7.72 10.02
N GLU A 91 -8.57 -7.36 11.08
CA GLU A 91 -9.03 -6.42 12.12
C GLU A 91 -7.91 -5.38 12.24
N VAL A 92 -8.27 -4.10 12.18
CA VAL A 92 -7.29 -3.02 12.36
C VAL A 92 -6.95 -2.91 13.85
N ILE A 93 -5.67 -3.06 14.23
CA ILE A 93 -5.22 -2.88 15.64
C ILE A 93 -4.87 -1.41 15.84
N ASP A 94 -3.93 -0.88 15.04
CA ASP A 94 -3.44 0.52 15.18
C ASP A 94 -3.29 1.11 13.78
N ILE A 95 -3.55 2.40 13.67
CA ILE A 95 -3.32 3.17 12.42
C ILE A 95 -2.33 4.26 12.76
N PHE A 96 -1.29 4.36 11.94
CA PHE A 96 -0.25 5.38 12.09
C PHE A 96 -0.26 6.27 10.86
N LYS A 97 -0.10 7.56 11.08
CA LYS A 97 0.20 8.53 10.00
CA LYS A 97 0.19 8.57 10.02
C LYS A 97 1.71 8.69 9.92
N ILE A 98 2.26 8.49 8.72
CA ILE A 98 3.73 8.49 8.55
C ILE A 98 4.12 9.57 7.55
N GLU A 99 5.26 10.20 7.81
CA GLU A 99 5.87 11.21 6.93
C GLU A 99 7.36 10.87 6.87
N ARG A 100 7.77 10.22 5.79
CA ARG A 100 9.19 9.90 5.54
C ARG A 100 9.92 11.22 5.25
N GLU A 101 11.07 11.46 5.89
CA GLU A 101 11.94 12.63 5.57
C GLU A 101 12.12 12.74 4.06
N GLY A 102 11.86 13.91 3.48
CA GLY A 102 12.15 14.24 2.07
C GLY A 102 11.11 13.70 1.10
N GLU A 103 10.17 12.88 1.53
CA GLU A 103 9.32 12.15 0.56
C GLU A 103 8.30 13.12 -0.05
N CYS A 104 7.70 14.00 0.73
CA CYS A 104 6.73 14.97 0.17
C CYS A 104 7.48 15.91 -0.78
N GLN A 105 8.72 16.31 -0.48
CA GLN A 105 9.49 17.20 -1.35
C GLN A 105 9.75 16.52 -2.70
N ARG A 106 10.08 15.23 -2.66
CA ARG A 106 10.36 14.37 -3.84
C ARG A 106 9.10 14.21 -4.70
N TYR A 107 7.93 14.18 -4.07
CA TYR A 107 6.63 13.94 -4.73
C TYR A 107 6.10 15.21 -5.45
N LYS A 108 6.62 16.39 -5.18
CA LYS A 108 6.10 17.70 -5.67
C LYS A 108 5.74 17.67 -7.16
N PRO A 109 6.57 17.09 -8.08
CA PRO A 109 6.18 17.05 -9.50
C PRO A 109 4.82 16.39 -9.84
N PHE A 110 4.35 15.48 -8.97
CA PHE A 110 3.21 14.53 -9.19
C PHE A 110 1.98 14.93 -8.40
N LYS A 111 2.14 15.95 -7.55
CA LYS A 111 1.21 16.32 -6.47
C LYS A 111 -0.17 16.76 -7.01
N GLN A 112 -0.29 17.27 -8.26
CA GLN A 112 -1.60 17.65 -8.88
C GLN A 112 -1.78 17.05 -10.27
N LEU A 113 -0.88 16.16 -10.67
CA LEU A 113 -1.15 15.10 -11.67
C LEU A 113 -2.60 14.61 -11.45
N HIS A 114 -3.44 14.60 -12.47
CA HIS A 114 -4.79 14.00 -12.34
C HIS A 114 -4.60 12.54 -11.87
N ASN A 115 -5.61 11.98 -11.22
CA ASN A 115 -5.66 10.53 -10.96
C ASN A 115 -4.62 10.15 -9.89
N ARG A 116 -4.79 10.68 -8.69
CA ARG A 116 -4.03 10.22 -7.51
C ARG A 116 -4.97 9.37 -6.68
N ARG A 117 -4.45 8.25 -6.19
CA ARG A 117 -5.29 7.22 -5.57
C ARG A 117 -4.63 6.77 -4.29
N LEU A 118 -5.43 6.48 -3.28
CA LEU A 118 -4.92 5.91 -2.02
C LEU A 118 -5.01 4.38 -2.12
N LEU A 119 -3.86 3.72 -2.15
CA LEU A 119 -3.75 2.28 -2.50
C LEU A 119 -2.91 1.54 -1.46
N TRP A 120 -3.16 0.25 -1.37
CA TRP A 120 -2.54 -0.66 -0.40
C TRP A 120 -1.19 -1.13 -0.92
N HIS A 121 -0.27 -1.34 0.00
CA HIS A 121 0.98 -2.08 -0.29
C HIS A 121 1.39 -2.87 0.93
N GLY A 122 1.34 -4.19 0.80
CA GLY A 122 1.74 -5.11 1.87
C GLY A 122 3.18 -5.55 1.70
N SER A 123 3.80 -5.95 2.79
CA SER A 123 5.19 -6.44 2.77
C SER A 123 5.44 -7.23 4.06
N ARG A 124 6.42 -8.12 4.03
CA ARG A 124 6.89 -8.80 5.26
C ARG A 124 7.28 -7.75 6.31
N THR A 125 6.96 -8.02 7.57
CA THR A 125 7.37 -7.17 8.71
C THR A 125 8.87 -6.91 8.65
N THR A 126 9.65 -7.92 8.27
CA THR A 126 11.12 -7.84 8.29
C THR A 126 11.59 -6.85 7.24
N ASN A 127 10.73 -6.39 6.33
CA ASN A 127 11.13 -5.41 5.27
C ASN A 127 10.87 -3.96 5.72
N PHE A 128 10.10 -3.77 6.79
CA PHE A 128 9.54 -2.42 7.11
C PHE A 128 10.58 -1.43 7.64
N ALA A 129 11.66 -1.87 8.27
CA ALA A 129 12.79 -0.98 8.66
C ALA A 129 13.34 -0.33 7.39
N GLY A 130 13.54 -1.13 6.34
CA GLY A 130 14.05 -0.67 5.03
C GLY A 130 13.04 0.22 4.33
N ILE A 131 11.77 -0.19 4.33
CA ILE A 131 10.73 0.60 3.62
C ILE A 131 10.60 1.99 4.26
N LEU A 132 10.57 2.07 5.58
CA LEU A 132 10.40 3.42 6.21
C LEU A 132 11.66 4.26 6.02
N SER A 133 12.87 3.68 6.16
CA SER A 133 14.13 4.46 6.02
C SER A 133 14.37 4.85 4.56
N GLN A 134 14.07 3.99 3.57
CA GLN A 134 14.51 4.20 2.16
CA GLN A 134 14.50 4.21 2.16
C GLN A 134 13.31 4.43 1.23
N GLY A 135 12.08 4.18 1.71
CA GLY A 135 10.86 4.25 0.88
C GLY A 135 10.70 2.98 0.05
N LEU A 136 9.62 2.88 -0.69
CA LEU A 136 9.41 1.76 -1.63
C LEU A 136 10.37 1.94 -2.80
N ARG A 137 11.03 0.86 -3.20
CA ARG A 137 12.13 0.97 -4.19
C ARG A 137 11.83 0.02 -5.36
N ILE A 138 12.52 0.27 -6.46
CA ILE A 138 12.36 -0.57 -7.67
C ILE A 138 13.60 -1.44 -7.76
N ALA A 139 13.43 -2.70 -8.17
CA ALA A 139 14.54 -3.63 -8.42
C ALA A 139 15.58 -2.98 -9.32
N PRO A 140 16.90 -3.22 -9.11
CA PRO A 140 17.92 -2.62 -9.96
C PRO A 140 17.87 -3.06 -11.43
N PRO A 141 18.49 -2.29 -12.34
CA PRO A 141 18.46 -2.62 -13.77
C PRO A 141 18.94 -4.04 -14.09
N GLU A 142 19.93 -4.55 -13.35
CA GLU A 142 20.55 -5.88 -13.58
C GLU A 142 19.56 -7.00 -13.25
N ALA A 143 18.59 -6.75 -12.40
CA ALA A 143 17.70 -7.80 -11.85
C ALA A 143 16.92 -8.42 -12.99
N PRO A 144 16.70 -9.76 -13.00
CA PRO A 144 15.87 -10.40 -14.00
C PRO A 144 14.41 -9.95 -13.89
N VAL A 145 13.67 -10.00 -15.00
CA VAL A 145 12.22 -9.64 -15.00
C VAL A 145 11.35 -10.84 -14.54
N THR A 146 11.92 -12.00 -14.28
CA THR A 146 11.16 -13.25 -14.02
C THR A 146 10.21 -13.03 -12.85
N GLY A 147 8.94 -13.36 -13.04
CA GLY A 147 7.92 -13.27 -12.00
C GLY A 147 7.36 -11.88 -11.86
N TYR A 148 7.89 -10.86 -12.53
CA TYR A 148 7.27 -9.50 -12.42
C TYR A 148 6.22 -9.35 -13.50
N MET A 149 4.95 -9.52 -13.12
CA MET A 149 3.84 -9.59 -14.09
C MET A 149 3.83 -8.33 -14.96
N PHE A 150 4.13 -7.16 -14.38
CA PHE A 150 4.12 -5.86 -15.09
C PHE A 150 5.49 -5.21 -14.96
N GLY A 151 6.54 -6.02 -14.91
CA GLY A 151 7.91 -5.51 -14.92
C GLY A 151 8.35 -4.96 -13.59
N LYS A 152 9.58 -4.45 -13.56
CA LYS A 152 10.22 -3.95 -12.33
C LYS A 152 9.66 -2.57 -12.01
N GLY A 153 8.74 -2.51 -11.07
CA GLY A 153 8.15 -1.25 -10.61
C GLY A 153 7.66 -1.42 -9.19
N ILE A 154 6.84 -0.48 -8.74
CA ILE A 154 6.21 -0.53 -7.39
CA ILE A 154 6.20 -0.50 -7.40
C ILE A 154 4.72 -0.86 -7.58
N TYR A 155 4.28 -1.92 -6.93
CA TYR A 155 2.97 -2.56 -7.10
C TYR A 155 2.06 -2.20 -5.92
N PHE A 156 0.83 -1.89 -6.25
CA PHE A 156 -0.23 -1.56 -5.28
C PHE A 156 -1.53 -2.26 -5.65
N ALA A 157 -2.40 -2.47 -4.65
CA ALA A 157 -3.77 -2.99 -4.85
C ALA A 157 -4.81 -1.99 -4.38
N ASP A 158 -6.05 -2.15 -4.85
CA ASP A 158 -7.23 -1.45 -4.27
C ASP A 158 -8.04 -2.40 -3.39
N MET A 159 -7.67 -3.67 -3.31
CA MET A 159 -8.33 -4.66 -2.42
C MET A 159 -7.34 -4.96 -1.28
N VAL A 160 -7.71 -4.66 -0.05
CA VAL A 160 -6.77 -4.82 1.10
C VAL A 160 -6.27 -6.27 1.16
N SER A 161 -7.08 -7.27 0.85
CA SER A 161 -6.71 -8.70 1.01
C SER A 161 -5.64 -9.08 -0.03
N LYS A 162 -5.63 -8.44 -1.20
CA LYS A 162 -4.61 -8.75 -2.23
C LYS A 162 -3.25 -8.30 -1.71
N SER A 163 -3.19 -7.12 -1.11
CA SER A 163 -1.97 -6.57 -0.51
C SER A 163 -1.61 -7.33 0.76
N ALA A 164 -2.58 -7.70 1.61
CA ALA A 164 -2.31 -8.41 2.88
C ALA A 164 -1.61 -9.75 2.62
N ASN A 165 -1.89 -10.40 1.50
CA ASN A 165 -1.23 -11.69 1.14
C ASN A 165 0.29 -11.49 1.01
N TYR A 166 0.76 -10.29 0.67
CA TYR A 166 2.20 -9.98 0.52
C TYR A 166 2.88 -9.75 1.88
N CYS A 167 2.13 -9.76 2.98
CA CYS A 167 2.67 -9.76 4.37
C CYS A 167 3.32 -11.10 4.70
N HIS A 168 2.89 -12.19 4.04
CA HIS A 168 3.30 -13.57 4.36
C HIS A 168 3.11 -13.83 5.85
N THR A 169 1.96 -13.44 6.40
CA THR A 169 1.61 -13.62 7.82
C THR A 169 1.37 -15.10 8.10
N SER A 170 1.91 -15.60 9.21
CA SER A 170 1.77 -17.00 9.68
C SER A 170 0.69 -17.07 10.75
N GLN A 171 0.07 -18.23 10.89
CA GLN A 171 -0.87 -18.52 12.01
C GLN A 171 -0.16 -18.30 13.35
N GLY A 172 1.14 -18.53 13.43
CA GLY A 172 1.94 -18.47 14.68
C GLY A 172 2.24 -17.05 15.15
N ASP A 173 2.21 -16.07 14.24
CA ASP A 173 2.40 -14.63 14.57
C ASP A 173 1.45 -13.85 13.67
N PRO A 174 0.14 -13.84 13.96
CA PRO A 174 -0.85 -13.41 12.99
C PRO A 174 -1.03 -11.88 12.95
N ILE A 175 0.06 -11.13 12.97
CA ILE A 175 0.06 -9.63 12.93
C ILE A 175 0.87 -9.21 11.72
N GLY A 176 0.32 -8.30 10.91
CA GLY A 176 0.94 -7.82 9.66
C GLY A 176 0.93 -6.31 9.60
N LEU A 177 1.80 -5.77 8.76
CA LEU A 177 1.91 -4.32 8.50
C LEU A 177 1.55 -4.11 7.03
N ILE A 178 0.70 -3.13 6.77
CA ILE A 178 0.31 -2.75 5.39
CA ILE A 178 0.34 -2.74 5.39
CA ILE A 178 0.31 -2.75 5.39
C ILE A 178 0.34 -1.21 5.28
N LEU A 179 0.82 -0.71 4.16
CA LEU A 179 0.86 0.73 3.90
C LEU A 179 -0.38 1.13 3.11
N LEU A 180 -0.76 2.38 3.31
CA LEU A 180 -1.62 3.14 2.39
C LEU A 180 -0.76 4.26 1.83
N GLY A 181 -0.69 4.31 0.52
CA GLY A 181 0.15 5.29 -0.18
C GLY A 181 -0.68 6.09 -1.13
N GLU A 182 -0.38 7.39 -1.24
CA GLU A 182 -0.89 8.23 -2.34
C GLU A 182 0.00 7.94 -3.56
N VAL A 183 -0.61 7.43 -4.61
CA VAL A 183 0.12 7.01 -5.83
C VAL A 183 -0.35 7.94 -6.96
N ALA A 184 0.60 8.62 -7.60
CA ALA A 184 0.31 9.51 -8.74
C ALA A 184 0.29 8.65 -10.01
N LEU A 185 -0.90 8.20 -10.42
CA LEU A 185 -1.08 7.23 -11.52
C LEU A 185 -1.08 7.95 -12.87
N GLY A 186 -1.47 9.24 -12.91
CA GLY A 186 -1.65 10.00 -14.15
C GLY A 186 -2.41 9.20 -15.20
N ASN A 187 -1.85 9.18 -16.42
CA ASN A 187 -2.43 8.43 -17.56
CA ASN A 187 -2.45 8.44 -17.56
C ASN A 187 -2.04 6.96 -17.40
N MET A 188 -3.01 6.09 -17.20
CA MET A 188 -2.79 4.65 -16.96
C MET A 188 -2.73 3.92 -18.29
N TYR A 189 -1.76 3.03 -18.43
CA TYR A 189 -1.66 2.01 -19.50
C TYR A 189 -2.43 0.80 -18.96
N GLU A 190 -3.65 0.57 -19.46
CA GLU A 190 -4.56 -0.48 -18.95
C GLU A 190 -4.26 -1.80 -19.66
N LEU A 191 -3.88 -2.83 -18.92
CA LEU A 191 -3.45 -4.14 -19.47
C LEU A 191 -4.26 -5.26 -18.84
N LYS A 192 -4.58 -6.29 -19.62
CA LYS A 192 -5.35 -7.47 -19.17
C LYS A 192 -4.41 -8.67 -19.03
N HIS A 193 -3.19 -8.58 -19.55
CA HIS A 193 -2.24 -9.71 -19.61
C HIS A 193 -0.85 -9.24 -19.17
N ALA A 194 -0.05 -10.16 -18.63
CA ALA A 194 1.31 -9.88 -18.14
C ALA A 194 2.11 -9.23 -19.29
N SER A 195 2.89 -8.22 -18.96
CA SER A 195 4.00 -7.69 -19.80
C SER A 195 5.18 -7.43 -18.87
N HIS A 196 6.24 -8.20 -19.05
CA HIS A 196 7.36 -8.22 -18.08
C HIS A 196 8.32 -7.05 -18.31
N ILE A 197 7.90 -5.98 -18.98
CA ILE A 197 8.86 -4.85 -19.25
C ILE A 197 8.50 -3.66 -18.36
N SER A 198 9.45 -2.74 -18.16
CA SER A 198 9.32 -1.63 -17.19
CA SER A 198 9.26 -1.63 -17.19
C SER A 198 9.22 -0.28 -17.91
N LYS A 199 9.15 -0.31 -19.25
CA LYS A 199 9.18 0.91 -20.10
C LYS A 199 7.76 1.21 -20.58
N LEU A 200 7.27 2.40 -20.26
CA LEU A 200 5.91 2.85 -20.65
C LEU A 200 5.97 3.63 -21.96
N PRO A 201 4.93 3.54 -22.81
CA PRO A 201 4.80 4.46 -23.92
C PRO A 201 4.78 5.92 -23.45
N LYS A 202 5.20 6.83 -24.32
CA LYS A 202 5.20 8.29 -24.08
C LYS A 202 3.84 8.73 -23.55
N GLY A 203 3.82 9.53 -22.47
CA GLY A 203 2.58 10.14 -21.95
C GLY A 203 1.87 9.23 -20.96
N LYS A 204 2.31 7.98 -20.80
CA LYS A 204 1.75 7.05 -19.79
C LYS A 204 2.60 7.14 -18.51
N HIS A 205 1.97 7.12 -17.33
CA HIS A 205 2.65 7.29 -16.01
C HIS A 205 2.55 6.03 -15.15
N SER A 206 1.65 5.11 -15.48
CA SER A 206 1.43 3.90 -14.66
C SER A 206 0.83 2.80 -15.52
N VAL A 207 0.82 1.59 -14.97
CA VAL A 207 0.05 0.44 -15.50
C VAL A 207 -1.08 0.17 -14.52
N LYS A 208 -2.28 -0.01 -15.07
CA LYS A 208 -3.37 -0.68 -14.34
C LYS A 208 -3.57 -2.05 -14.95
N GLY A 209 -3.31 -3.09 -14.16
CA GLY A 209 -3.74 -4.47 -14.44
C GLY A 209 -5.21 -4.59 -14.11
N LEU A 210 -6.04 -4.86 -15.12
CA LEU A 210 -7.52 -4.81 -15.02
C LEU A 210 -8.02 -6.15 -14.45
N GLY A 211 -8.61 -6.09 -13.25
CA GLY A 211 -9.19 -7.28 -12.59
C GLY A 211 -10.62 -7.52 -13.03
N LYS A 212 -11.10 -8.73 -12.79
CA LYS A 212 -12.52 -9.13 -12.97
C LYS A 212 -13.39 -8.36 -11.97
N THR A 213 -12.86 -8.05 -10.78
CA THR A 213 -13.58 -7.40 -9.65
C THR A 213 -12.87 -6.08 -9.26
N THR A 214 -13.67 -5.04 -9.01
CA THR A 214 -13.22 -3.64 -8.73
C THR A 214 -14.08 -3.09 -7.59
N PRO A 215 -13.55 -2.28 -6.65
CA PRO A 215 -14.40 -1.53 -5.72
C PRO A 215 -15.45 -0.72 -6.48
N ASP A 216 -16.71 -0.77 -6.04
CA ASP A 216 -17.84 -0.04 -6.66
C ASP A 216 -17.45 1.43 -6.81
N PRO A 217 -17.22 1.91 -8.05
CA PRO A 217 -16.77 3.29 -8.26
C PRO A 217 -17.78 4.35 -7.80
N SER A 218 -19.04 4.00 -7.61
CA SER A 218 -20.10 4.92 -7.11
C SER A 218 -19.91 5.18 -5.61
N ALA A 219 -19.04 4.45 -4.92
CA ALA A 219 -18.74 4.67 -3.48
C ALA A 219 -17.36 5.34 -3.30
N ASN A 220 -16.63 5.60 -4.40
CA ASN A 220 -15.32 6.29 -4.31
CA ASN A 220 -15.33 6.31 -4.35
C ASN A 220 -15.53 7.62 -3.58
N ILE A 221 -14.63 7.98 -2.68
CA ILE A 221 -14.64 9.32 -2.06
C ILE A 221 -13.26 9.95 -2.29
N SER A 222 -13.14 11.25 -2.01
CA SER A 222 -11.86 12.01 -1.94
C SER A 222 -11.46 12.25 -0.50
N LEU A 223 -10.21 11.98 -0.17
CA LEU A 223 -9.60 12.28 1.16
C LEU A 223 -8.35 13.12 0.91
N ASP A 224 -8.43 14.43 1.18
CA ASP A 224 -7.35 15.42 0.93
C ASP A 224 -6.96 15.39 -0.56
N GLY A 225 -7.95 15.43 -1.48
CA GLY A 225 -7.77 15.52 -2.95
C GLY A 225 -7.32 14.20 -3.57
N VAL A 226 -7.36 13.11 -2.81
CA VAL A 226 -6.92 11.77 -3.31
C VAL A 226 -8.14 10.86 -3.34
N ASP A 227 -8.33 10.11 -4.43
CA ASP A 227 -9.44 9.13 -4.57
C ASP A 227 -9.18 7.95 -3.61
N VAL A 228 -10.19 7.56 -2.85
CA VAL A 228 -10.16 6.36 -1.96
C VAL A 228 -11.22 5.40 -2.49
N PRO A 229 -10.82 4.31 -3.16
CA PRO A 229 -11.79 3.37 -3.75
C PRO A 229 -12.27 2.32 -2.74
N LEU A 230 -13.07 2.76 -1.78
CA LEU A 230 -13.45 1.93 -0.60
C LEU A 230 -14.85 1.34 -0.81
N GLY A 231 -15.37 1.33 -2.04
CA GLY A 231 -16.63 0.62 -2.38
C GLY A 231 -16.45 -0.89 -2.27
N THR A 232 -17.54 -1.62 -2.03
CA THR A 232 -17.55 -3.10 -2.01
C THR A 232 -17.27 -3.62 -3.42
N GLY A 233 -16.60 -4.78 -3.53
CA GLY A 233 -16.23 -5.38 -4.81
C GLY A 233 -17.46 -5.71 -5.62
N ILE A 234 -17.54 -5.21 -6.85
CA ILE A 234 -18.55 -5.60 -7.87
C ILE A 234 -17.79 -6.08 -9.12
N SER A 235 -18.50 -6.66 -10.08
CA SER A 235 -17.93 -7.12 -11.36
C SER A 235 -17.49 -5.90 -12.17
N SER A 236 -16.27 -5.93 -12.74
CA SER A 236 -15.70 -4.84 -13.57
C SER A 236 -16.32 -4.87 -14.98
N GLY A 237 -16.87 -6.00 -15.40
CA GLY A 237 -17.32 -6.20 -16.78
C GLY A 237 -16.17 -6.37 -17.77
N VAL A 238 -14.91 -6.38 -17.30
CA VAL A 238 -13.74 -6.70 -18.17
C VAL A 238 -13.77 -8.21 -18.42
N ASN A 239 -13.58 -8.61 -19.68
CA ASN A 239 -13.54 -10.03 -20.11
C ASN A 239 -12.16 -10.32 -20.70
N ASP A 240 -11.70 -11.55 -20.56
CA ASP A 240 -10.39 -12.02 -21.07
C ASP A 240 -9.32 -11.15 -20.43
N THR A 241 -9.28 -11.18 -19.09
CA THR A 241 -8.14 -10.72 -18.26
C THR A 241 -7.69 -11.90 -17.42
N SER A 242 -6.41 -11.95 -17.08
CA SER A 242 -5.79 -12.99 -16.23
C SER A 242 -5.85 -12.58 -14.75
N LEU A 243 -6.42 -11.41 -14.43
CA LEU A 243 -6.41 -10.91 -13.02
C LEU A 243 -7.80 -11.00 -12.40
N LEU A 244 -7.87 -11.48 -11.17
CA LEU A 244 -9.12 -11.45 -10.39
C LEU A 244 -9.37 -10.02 -9.90
N TYR A 245 -8.30 -9.33 -9.49
CA TYR A 245 -8.33 -8.00 -8.83
C TYR A 245 -7.36 -7.07 -9.56
N ASN A 246 -7.66 -5.78 -9.49
CA ASN A 246 -6.81 -4.75 -10.10
C ASN A 246 -5.42 -4.82 -9.47
N GLU A 247 -4.43 -4.33 -10.19
CA GLU A 247 -3.18 -3.89 -9.54
C GLU A 247 -2.64 -2.68 -10.29
N TYR A 248 -1.83 -1.90 -9.61
CA TYR A 248 -1.35 -0.61 -10.12
C TYR A 248 0.17 -0.57 -9.97
N ILE A 249 0.84 -0.17 -11.02
CA ILE A 249 2.33 -0.17 -11.00
C ILE A 249 2.82 1.18 -11.47
N VAL A 250 3.79 1.72 -10.76
CA VAL A 250 4.55 2.92 -11.19
C VAL A 250 6.03 2.56 -11.27
N TYR A 251 6.75 3.31 -12.07
CA TYR A 251 8.14 2.97 -12.46
C TYR A 251 9.09 4.08 -12.06
N ASP A 252 8.64 4.97 -11.18
CA ASP A 252 9.45 6.08 -10.63
C ASP A 252 9.12 6.16 -9.15
N ILE A 253 10.13 6.04 -8.27
CA ILE A 253 9.89 6.09 -6.81
C ILE A 253 9.23 7.40 -6.39
N ALA A 254 9.35 8.47 -7.17
CA ALA A 254 8.84 9.80 -6.79
C ALA A 254 7.31 9.88 -6.97
N GLN A 255 6.68 8.85 -7.54
CA GLN A 255 5.23 8.81 -7.81
C GLN A 255 4.49 8.27 -6.59
N VAL A 256 5.19 7.98 -5.49
CA VAL A 256 4.58 7.42 -4.25
C VAL A 256 4.83 8.35 -3.09
N ASN A 257 3.78 8.61 -2.32
CA ASN A 257 3.88 9.35 -1.04
C ASN A 257 3.17 8.47 0.00
N LEU A 258 3.92 7.82 0.86
CA LEU A 258 3.32 6.92 1.89
C LEU A 258 2.59 7.80 2.91
N LYS A 259 1.38 7.42 3.28
CA LYS A 259 0.54 8.27 4.15
C LYS A 259 0.24 7.54 5.45
N TYR A 260 -0.13 6.26 5.40
CA TYR A 260 -0.54 5.54 6.62
C TYR A 260 0.16 4.19 6.67
N LEU A 261 0.29 3.69 7.89
CA LEU A 261 0.77 2.32 8.16
C LEU A 261 -0.24 1.70 9.12
N LEU A 262 -0.80 0.54 8.76
CA LEU A 262 -1.76 -0.18 9.60
C LEU A 262 -1.05 -1.38 10.20
N LYS A 263 -1.27 -1.61 11.48
CA LYS A 263 -1.00 -2.90 12.12
C LYS A 263 -2.30 -3.68 12.10
N LEU A 264 -2.31 -4.84 11.44
CA LEU A 264 -3.53 -5.68 11.30
C LEU A 264 -3.37 -7.02 12.01
N LYS A 265 -4.46 -7.44 12.65
CA LYS A 265 -4.62 -8.83 13.14
C LYS A 265 -5.21 -9.66 12.00
N PHE A 266 -4.57 -10.79 11.68
CA PHE A 266 -5.07 -11.79 10.73
C PHE A 266 -5.79 -12.88 11.55
N ASN A 267 -7.11 -12.99 11.40
CA ASN A 267 -7.91 -14.02 12.10
C ASN A 267 -8.13 -15.16 11.11
N PHE A 268 -7.29 -16.19 11.19
CA PHE A 268 -7.31 -17.35 10.28
C PHE A 268 -8.52 -18.21 10.61
N LYS A 269 -9.16 -18.82 9.60
CA LYS A 269 -10.41 -19.62 9.77
C LYS A 269 -10.09 -21.11 9.59
#